data_3MRL
#
_entry.id   3MRL
#
_cell.length_a   53.634
_cell.length_b   80.973
_cell.length_c   57.019
_cell.angle_alpha   90.000
_cell.angle_beta   113.170
_cell.angle_gamma   90.000
#
_symmetry.space_group_name_H-M   'P 1 21 1'
#
loop_
_entity.id
_entity.type
_entity.pdbx_description
1 polymer 'HLA class I histocompatibility antigen, A-2 alpha chain'
2 polymer Beta-2-microglobulin
3 polymer '9-meric peptide from Serine protease/NTPase/helicase NS3'
4 water water
#
loop_
_entity_poly.entity_id
_entity_poly.type
_entity_poly.pdbx_seq_one_letter_code
_entity_poly.pdbx_strand_id
1 'polypeptide(L)'
;GSHSMRYFFTSVSRPGRGEPRFIAVGYVDDTQFVRFDSDAASQRMEPRAPWIEQEGPEYWDGETRKVKAHSQTHRVDLGT
LRGYYNQSEAGSHTVQRMYGCDVGSDWRFLRGYHQYAYDGKDYIALKEDLRSWTAADMAAQTTKHKWEAAHVAEQLRAYL
EGTCVEWLRRYLENGKETLQRTDAPKTHMTHHAVSDHEATLRCWALSFYPAEITLTWQRDGEDQTQDTELVETRPAGDGT
FQKWVAVVVPSGQEQRYTCHVQHEGLPKPLTLRWEPGSLHHILDAQKMVWNHR
;
A
2 'polypeptide(L)'
;MIQRTPKIQVYSRHPAENGKSNFLNCYVSGFHPSDIEVDLLKNGERIEKVEHSDLSFSKDWSFYLLYYTEFTPTEKDEYA
CRVNHVTLSQPKIVKWDRDM
;
B
3 'polypeptide(L)' CINGVVWTV P
#
# COMPACT_ATOMS: atom_id res chain seq x y z
N GLY A 1 15.38 13.00 0.63
CA GLY A 1 14.93 14.40 0.85
C GLY A 1 13.52 14.48 1.44
N SER A 2 12.53 14.38 0.54
CA SER A 2 11.14 14.70 0.85
C SER A 2 10.44 13.66 1.75
N HIS A 3 9.34 14.06 2.36
CA HIS A 3 8.64 13.20 3.31
C HIS A 3 7.16 13.47 3.26
N SER A 4 6.39 12.53 3.77
CA SER A 4 4.96 12.63 3.65
C SER A 4 4.30 11.94 4.81
N MET A 5 3.09 12.38 5.11
CA MET A 5 2.25 11.71 6.07
C MET A 5 0.88 11.56 5.46
N ARG A 6 0.32 10.37 5.53
CA ARG A 6 -0.92 10.04 4.82
C ARG A 6 -1.82 9.19 5.70
N TYR A 7 -3.10 9.50 5.70
CA TYR A 7 -4.05 8.71 6.43
C TYR A 7 -5.03 8.06 5.46
N PHE A 8 -5.41 6.81 5.75
CA PHE A 8 -6.29 6.03 4.86
C PHE A 8 -7.49 5.46 5.59
N PHE A 9 -8.70 5.83 5.16
CA PHE A 9 -9.94 5.29 5.73
C PHE A 9 -10.81 4.49 4.73
N THR A 10 -11.21 3.30 5.11
CA THR A 10 -12.15 2.53 4.31
C THR A 10 -13.35 2.17 5.17
N SER A 11 -14.57 2.30 4.62
CA SER A 11 -15.79 1.80 5.26
C SER A 11 -16.53 0.88 4.31
N VAL A 12 -17.05 -0.25 4.82
CA VAL A 12 -17.75 -1.24 4.00
C VAL A 12 -19.06 -1.66 4.68
N SER A 13 -20.17 -1.29 4.07
CA SER A 13 -21.44 -1.58 4.70
C SER A 13 -21.69 -3.09 4.75
N ARG A 14 -22.40 -3.50 5.79
CA ARG A 14 -22.83 -4.88 5.98
C ARG A 14 -24.35 -4.88 5.98
N PRO A 15 -24.96 -5.26 4.86
CA PRO A 15 -26.42 -5.26 4.81
C PRO A 15 -26.89 -6.40 5.70
N GLY A 16 -27.98 -6.22 6.42
CA GLY A 16 -28.45 -7.33 7.22
C GLY A 16 -28.34 -7.06 8.70
N ARG A 17 -27.24 -6.46 9.14
CA ARG A 17 -27.09 -6.23 10.56
C ARG A 17 -25.85 -5.43 10.95
N GLY A 18 -26.07 -4.31 11.64
CA GLY A 18 -24.98 -3.57 12.28
C GLY A 18 -24.29 -2.48 11.48
N GLU A 19 -23.30 -1.87 12.11
CA GLU A 19 -22.52 -0.78 11.50
C GLU A 19 -21.47 -1.33 10.53
N PRO A 20 -20.99 -0.48 9.63
CA PRO A 20 -19.99 -0.86 8.63
C PRO A 20 -18.65 -1.26 9.26
N ARG A 21 -17.93 -2.15 8.61
CA ARG A 21 -16.57 -2.44 9.01
C ARG A 21 -15.76 -1.20 8.63
N PHE A 22 -14.85 -0.80 9.51
CA PHE A 22 -14.14 0.44 9.36
C PHE A 22 -12.65 0.21 9.69
N ILE A 23 -11.77 0.73 8.85
CA ILE A 23 -10.35 0.44 8.93
C ILE A 23 -9.58 1.72 8.60
N ALA A 24 -8.82 2.21 9.56
CA ALA A 24 -7.99 3.40 9.41
C ALA A 24 -6.52 3.07 9.61
N VAL A 25 -5.67 3.64 8.76
CA VAL A 25 -4.24 3.47 8.93
C VAL A 25 -3.51 4.76 8.64
N GLY A 26 -2.49 5.04 9.44
CA GLY A 26 -1.66 6.22 9.24
C GLY A 26 -0.28 5.81 8.82
N TYR A 27 0.30 6.59 7.92
CA TYR A 27 1.62 6.29 7.36
C TYR A 27 2.55 7.50 7.39
N VAL A 28 3.81 7.25 7.70
CA VAL A 28 4.82 8.25 7.44
C VAL A 28 5.70 7.69 6.36
N ASP A 29 5.82 8.42 5.25
CA ASP A 29 6.56 7.91 4.09
C ASP A 29 6.01 6.51 3.80
N ASP A 30 6.86 5.48 3.93
CA ASP A 30 6.43 4.11 3.60
C ASP A 30 6.16 3.24 4.85
N THR A 31 6.22 3.84 6.03
CA THR A 31 6.11 3.14 7.30
C THR A 31 4.77 3.41 7.93
N GLN A 32 3.99 2.35 8.14
CA GLN A 32 2.71 2.45 8.83
C GLN A 32 2.99 2.69 10.31
N PHE A 33 2.20 3.58 10.94
CA PHE A 33 2.49 3.90 12.33
C PHE A 33 1.32 3.87 13.29
N VAL A 34 0.10 3.83 12.75
CA VAL A 34 -1.11 3.64 13.57
C VAL A 34 -2.19 2.87 12.81
N ARG A 35 -3.15 2.32 13.56
CA ARG A 35 -4.28 1.67 12.95
C ARG A 35 -5.45 1.64 13.91
N PHE A 36 -6.64 1.69 13.32
CA PHE A 36 -7.84 1.44 14.06
C PHE A 36 -8.62 0.41 13.24
N ASP A 37 -9.12 -0.61 13.90
CA ASP A 37 -9.98 -1.59 13.21
C ASP A 37 -11.25 -1.78 14.03
N SER A 38 -12.39 -1.50 13.42
CA SER A 38 -13.69 -1.66 14.06
CA SER A 38 -13.68 -1.65 14.09
C SER A 38 -13.91 -3.08 14.60
N ASP A 39 -13.36 -4.07 13.90
CA ASP A 39 -13.50 -5.46 14.34
C ASP A 39 -12.37 -5.90 15.26
N ALA A 40 -11.75 -4.95 15.97
CA ALA A 40 -10.73 -5.30 16.97
C ALA A 40 -11.21 -4.92 18.35
N ALA A 41 -10.78 -5.71 19.33
CA ALA A 41 -11.34 -5.65 20.67
C ALA A 41 -10.96 -4.39 21.46
N SER A 42 -9.84 -3.78 21.10
CA SER A 42 -9.38 -2.65 21.89
C SER A 42 -10.34 -1.43 21.73
N GLN A 43 -10.93 -1.30 20.55
CA GLN A 43 -11.66 -0.10 20.18
C GLN A 43 -10.87 1.18 20.43
N ARG A 44 -9.57 1.13 20.12
CA ARG A 44 -8.65 2.29 20.21
C ARG A 44 -7.72 2.36 19.00
N MET A 45 -7.35 3.57 18.60
CA MET A 45 -6.19 3.74 17.72
C MET A 45 -5.02 3.02 18.41
N GLU A 46 -4.28 2.21 17.67
CA GLU A 46 -3.20 1.38 18.23
C GLU A 46 -1.89 1.66 17.51
N PRO A 47 -0.79 1.79 18.28
CA PRO A 47 0.55 2.02 17.76
C PRO A 47 1.03 0.88 16.88
N ARG A 48 1.69 1.19 15.78
CA ARG A 48 2.29 0.17 14.93
C ARG A 48 3.75 0.49 14.57
N ALA A 49 4.34 1.45 15.29
CA ALA A 49 5.76 1.73 15.19
C ALA A 49 6.32 2.02 16.59
N PRO A 50 7.56 1.58 16.84
CA PRO A 50 8.16 1.79 18.17
C PRO A 50 8.22 3.27 18.55
N TRP A 51 8.54 4.14 17.60
CA TRP A 51 8.71 5.58 17.87
C TRP A 51 7.44 6.36 18.20
N ILE A 52 6.28 5.75 17.96
CA ILE A 52 5.05 6.45 18.27
C ILE A 52 4.63 6.11 19.72
N GLU A 53 5.07 4.96 20.22
CA GLU A 53 4.80 4.55 21.60
C GLU A 53 5.12 5.60 22.68
N GLN A 54 6.24 6.33 22.51
CA GLN A 54 6.58 7.48 23.37
C GLN A 54 5.38 8.35 23.74
N GLU A 55 4.42 8.44 22.84
CA GLU A 55 3.32 9.39 23.00
C GLU A 55 2.41 9.04 24.18
N GLY A 56 1.91 10.08 24.86
CA GLY A 56 1.13 9.90 26.06
C GLY A 56 -0.32 9.57 25.82
N PRO A 57 -1.03 9.20 26.91
CA PRO A 57 -2.40 8.72 26.88
C PRO A 57 -3.36 9.79 26.40
N GLU A 58 -2.91 11.05 26.38
CA GLU A 58 -3.73 12.15 25.86
C GLU A 58 -3.66 12.24 24.32
N TYR A 59 -2.55 11.80 23.75
CA TYR A 59 -2.48 11.57 22.31
C TYR A 59 -3.41 10.42 21.93
N TRP A 60 -3.35 9.31 22.67
CA TRP A 60 -4.16 8.14 22.33
C TRP A 60 -5.67 8.32 22.50
N ASP A 61 -6.08 9.16 23.46
CA ASP A 61 -7.51 9.43 23.67
C ASP A 61 -8.03 10.39 22.62
N GLY A 62 -7.25 11.41 22.28
CA GLY A 62 -7.65 12.36 21.27
C GLY A 62 -7.73 11.71 19.90
N GLU A 63 -6.76 10.86 19.57
CA GLU A 63 -6.73 10.20 18.27
C GLU A 63 -7.91 9.23 18.17
N THR A 64 -8.10 8.43 19.21
CA THR A 64 -9.27 7.54 19.26
C THR A 64 -10.56 8.32 19.04
N ARG A 65 -10.73 9.40 19.80
CA ARG A 65 -11.96 10.18 19.74
C ARG A 65 -12.24 10.65 18.31
N LYS A 66 -11.20 11.07 17.61
CA LYS A 66 -11.36 11.58 16.25
C LYS A 66 -11.56 10.44 15.24
N VAL A 67 -10.84 9.34 15.43
CA VAL A 67 -11.01 8.21 14.55
C VAL A 67 -12.39 7.57 14.68
N LYS A 68 -13.00 7.67 15.86
CA LYS A 68 -14.37 7.16 16.05
C LYS A 68 -15.40 8.07 15.39
N ALA A 69 -15.15 9.37 15.48
CA ALA A 69 -16.00 10.34 14.83
C ALA A 69 -16.02 10.14 13.33
N HIS A 70 -14.84 9.85 12.74
CA HIS A 70 -14.72 9.53 11.31
C HIS A 70 -15.65 8.38 10.86
N SER A 71 -15.63 7.27 11.61
CA SER A 71 -16.41 6.08 11.24
C SER A 71 -17.88 6.37 11.23
N GLN A 72 -18.31 7.30 12.08
CA GLN A 72 -19.73 7.60 12.16
C GLN A 72 -20.06 8.49 10.98
N THR A 73 -19.10 9.31 10.58
CA THR A 73 -19.21 10.10 9.35
C THR A 73 -19.29 9.19 8.11
N HIS A 74 -18.41 8.20 8.05
CA HIS A 74 -18.46 7.22 6.98
C HIS A 74 -19.77 6.44 6.97
N ARG A 75 -20.24 6.04 8.16
CA ARG A 75 -21.55 5.37 8.29
C ARG A 75 -22.67 6.20 7.68
N VAL A 76 -22.79 7.45 8.11
CA VAL A 76 -23.80 8.36 7.52
C VAL A 76 -23.61 8.51 6.01
N ASP A 77 -22.36 8.62 5.57
CA ASP A 77 -22.05 8.77 4.14
C ASP A 77 -22.58 7.65 3.28
N LEU A 78 -22.36 6.41 3.70
CA LEU A 78 -22.89 5.26 2.98
C LEU A 78 -24.42 5.32 2.83
N GLY A 79 -25.13 5.84 3.81
CA GLY A 79 -26.59 5.92 3.73
C GLY A 79 -27.04 6.96 2.70
N THR A 80 -26.52 8.16 2.84
CA THR A 80 -26.78 9.22 1.89
C THR A 80 -26.36 8.89 0.45
N LEU A 81 -25.13 8.43 0.28
CA LEU A 81 -24.67 8.04 -1.06
C LEU A 81 -25.57 7.02 -1.70
N ARG A 82 -26.06 6.08 -0.88
CA ARG A 82 -26.98 5.04 -1.32
C ARG A 82 -28.32 5.62 -1.79
N GLY A 83 -28.69 6.75 -1.20
CA GLY A 83 -29.85 7.49 -1.67
C GLY A 83 -29.53 8.23 -2.96
N TYR A 84 -28.44 9.01 -2.99
CA TYR A 84 -28.06 9.72 -4.21
C TYR A 84 -28.03 8.82 -5.44
N TYR A 85 -27.60 7.58 -5.27
CA TYR A 85 -27.45 6.69 -6.42
C TYR A 85 -28.62 5.70 -6.59
N ASN A 86 -29.74 5.97 -5.91
CA ASN A 86 -30.94 5.12 -6.04
C ASN A 86 -30.72 3.61 -5.91
N GLN A 87 -29.65 3.23 -5.21
CA GLN A 87 -29.32 1.81 -5.02
C GLN A 87 -30.13 1.13 -3.90
N SER A 88 -30.13 -0.20 -3.97
CA SER A 88 -30.86 -1.01 -3.01
C SER A 88 -30.24 -1.05 -1.62
N GLU A 89 -31.07 -1.41 -0.64
CA GLU A 89 -30.65 -1.54 0.75
C GLU A 89 -29.97 -2.89 0.99
N ALA A 90 -29.70 -3.61 -0.10
CA ALA A 90 -29.26 -5.00 -0.03
C ALA A 90 -27.79 -5.24 -0.44
N GLY A 91 -27.28 -4.47 -1.40
CA GLY A 91 -25.88 -4.57 -1.81
C GLY A 91 -24.91 -4.06 -0.76
N SER A 92 -23.66 -4.46 -0.90
CA SER A 92 -22.61 -4.01 0.00
C SER A 92 -21.77 -2.97 -0.71
N HIS A 93 -21.56 -1.81 -0.08
CA HIS A 93 -20.81 -0.71 -0.70
C HIS A 93 -19.66 -0.21 0.15
N THR A 94 -18.79 0.59 -0.46
CA THR A 94 -17.55 0.97 0.15
C THR A 94 -17.33 2.46 -0.03
N VAL A 95 -16.96 3.17 1.04
CA VAL A 95 -16.40 4.51 0.85
C VAL A 95 -14.94 4.51 1.24
N GLN A 96 -14.11 5.21 0.47
CA GLN A 96 -12.70 5.37 0.79
C GLN A 96 -12.38 6.85 0.92
N ARG A 97 -11.47 7.17 1.84
CA ARG A 97 -10.97 8.54 2.00
C ARG A 97 -9.46 8.55 2.27
N MET A 98 -8.77 9.49 1.64
CA MET A 98 -7.35 9.62 1.85
C MET A 98 -6.98 11.10 1.97
N TYR A 99 -6.11 11.41 2.92
CA TYR A 99 -5.52 12.75 3.00
C TYR A 99 -4.15 12.78 3.70
N GLY A 100 -3.39 13.82 3.40
CA GLY A 100 -2.09 13.97 4.01
C GLY A 100 -1.32 15.11 3.39
N CYS A 101 -0.06 15.23 3.79
CA CYS A 101 0.76 16.35 3.39
C CYS A 101 2.16 15.88 2.98
N ASP A 102 2.79 16.65 2.11
CA ASP A 102 4.17 16.38 1.69
C ASP A 102 5.06 17.56 2.06
N VAL A 103 6.32 17.27 2.36
CA VAL A 103 7.28 18.31 2.63
C VAL A 103 8.55 17.94 1.86
N GLY A 104 9.23 18.96 1.33
CA GLY A 104 10.49 18.75 0.62
C GLY A 104 11.63 18.56 1.59
N SER A 105 12.86 18.70 1.10
CA SER A 105 14.06 18.48 1.93
C SER A 105 14.30 19.55 3.00
N ASP A 106 13.40 20.52 3.16
CA ASP A 106 13.49 21.47 4.26
C ASP A 106 12.39 21.23 5.29
N TRP A 107 11.59 20.19 5.03
CA TRP A 107 10.45 19.89 5.90
C TRP A 107 9.47 21.06 5.95
N ARG A 108 9.43 21.85 4.89
CA ARG A 108 8.39 22.84 4.72
C ARG A 108 7.30 22.32 3.79
N PHE A 109 6.06 22.67 4.10
CA PHE A 109 4.93 22.33 3.26
C PHE A 109 5.26 22.46 1.77
N LEU A 110 4.87 21.45 1.02
CA LEU A 110 5.07 21.40 -0.40
C LEU A 110 3.73 21.11 -1.08
N ARG A 111 3.08 20.04 -0.67
CA ARG A 111 1.84 19.64 -1.32
C ARG A 111 0.89 19.03 -0.29
N GLY A 112 -0.41 19.13 -0.57
CA GLY A 112 -1.45 18.61 0.32
C GLY A 112 -2.61 18.07 -0.49
N TYR A 113 -3.20 16.99 0.01
CA TYR A 113 -4.28 16.34 -0.71
C TYR A 113 -5.34 15.76 0.25
N HIS A 114 -6.56 15.65 -0.26
CA HIS A 114 -7.71 15.17 0.47
C HIS A 114 -8.71 14.73 -0.57
N GLN A 115 -8.99 13.44 -0.64
CA GLN A 115 -9.90 12.93 -1.65
C GLN A 115 -10.77 11.79 -1.15
N TYR A 116 -11.85 11.56 -1.90
CA TYR A 116 -12.93 10.69 -1.49
C TYR A 116 -13.41 9.84 -2.67
N ALA A 117 -13.61 8.54 -2.43
CA ALA A 117 -14.18 7.65 -3.43
C ALA A 117 -15.35 6.86 -2.89
N TYR A 118 -16.24 6.47 -3.80
CA TYR A 118 -17.41 5.66 -3.54
C TYR A 118 -17.36 4.44 -4.44
N ASP A 119 -17.49 3.27 -3.87
CA ASP A 119 -17.31 2.04 -4.64
C ASP A 119 -16.13 2.07 -5.59
N GLY A 120 -15.01 2.64 -5.15
CA GLY A 120 -13.76 2.51 -5.91
C GLY A 120 -13.57 3.50 -7.04
N LYS A 121 -14.43 4.51 -7.08
CA LYS A 121 -14.48 5.50 -8.15
C LYS A 121 -14.46 6.90 -7.58
N ASP A 122 -13.67 7.77 -8.21
CA ASP A 122 -13.62 9.17 -7.84
C ASP A 122 -14.99 9.71 -7.47
N TYR A 123 -15.07 10.36 -6.32
CA TYR A 123 -16.27 11.03 -5.96
C TYR A 123 -16.01 12.53 -5.90
N ILE A 124 -15.22 12.95 -4.93
CA ILE A 124 -14.89 14.35 -4.79
C ILE A 124 -13.49 14.47 -4.24
N ALA A 125 -12.79 15.54 -4.62
CA ALA A 125 -11.42 15.74 -4.19
C ALA A 125 -11.08 17.22 -4.13
N LEU A 126 -10.19 17.55 -3.20
CA LEU A 126 -9.67 18.90 -3.07
C LEU A 126 -8.67 19.19 -4.19
N LYS A 127 -8.77 20.37 -4.83
CA LYS A 127 -7.77 20.82 -5.82
C LYS A 127 -6.37 21.09 -5.21
N GLU A 128 -5.35 21.08 -6.06
CA GLU A 128 -3.95 21.41 -5.65
C GLU A 128 -3.83 22.68 -4.80
N ASP A 129 -4.59 23.73 -5.15
CA ASP A 129 -4.54 25.00 -4.41
C ASP A 129 -5.32 24.96 -3.09
N LEU A 130 -5.95 23.83 -2.78
CA LEU A 130 -6.63 23.67 -1.49
C LEU A 130 -7.77 24.67 -1.26
N ARG A 131 -8.32 25.22 -2.33
CA ARG A 131 -9.38 26.22 -2.16
C ARG A 131 -10.71 25.77 -2.76
N SER A 132 -10.66 24.84 -3.70
CA SER A 132 -11.86 24.39 -4.41
C SER A 132 -11.89 22.88 -4.55
N TRP A 133 -12.91 22.39 -5.24
CA TRP A 133 -13.19 20.98 -5.32
C TRP A 133 -13.36 20.52 -6.76
N THR A 134 -13.03 19.25 -6.99
CA THR A 134 -13.35 18.54 -8.21
C THR A 134 -14.47 17.56 -7.83
N ALA A 135 -15.63 17.69 -8.46
CA ALA A 135 -16.72 16.76 -8.30
C ALA A 135 -16.83 15.95 -9.59
N ALA A 136 -16.69 14.62 -9.52
CA ALA A 136 -16.70 13.81 -10.75
C ALA A 136 -18.07 13.63 -11.40
N ASP A 137 -19.16 13.71 -10.62
CA ASP A 137 -20.50 13.60 -11.21
C ASP A 137 -21.50 14.47 -10.46
N MET A 138 -22.79 14.34 -10.77
CA MET A 138 -23.76 15.28 -10.24
C MET A 138 -24.04 15.05 -8.75
N ALA A 139 -24.08 13.80 -8.31
CA ALA A 139 -24.18 13.54 -6.88
C ALA A 139 -23.01 14.19 -6.10
N ALA A 140 -21.79 14.14 -6.63
CA ALA A 140 -20.67 14.85 -6.00
C ALA A 140 -20.78 16.37 -6.14
N GLN A 141 -21.52 16.82 -7.16
CA GLN A 141 -21.74 18.25 -7.32
C GLN A 141 -22.57 18.75 -6.14
N THR A 142 -23.62 18.00 -5.82
CA THR A 142 -24.41 18.28 -4.61
C THR A 142 -23.56 18.40 -3.36
N THR A 143 -22.62 17.47 -3.17
CA THR A 143 -21.79 17.46 -1.96
C THR A 143 -20.87 18.70 -1.95
N LYS A 144 -20.34 19.03 -3.12
CA LYS A 144 -19.45 20.17 -3.24
C LYS A 144 -20.12 21.49 -2.81
N HIS A 145 -21.37 21.69 -3.23
CA HIS A 145 -22.14 22.89 -2.83
C HIS A 145 -22.28 22.94 -1.32
N LYS A 146 -22.63 21.79 -0.75
CA LYS A 146 -22.78 21.67 0.69
C LYS A 146 -21.46 22.06 1.37
N TRP A 147 -20.36 21.45 0.94
CA TRP A 147 -19.03 21.75 1.49
C TRP A 147 -18.55 23.17 1.20
N GLU A 148 -18.86 23.70 0.01
CA GLU A 148 -18.60 25.14 -0.27
C GLU A 148 -19.32 26.04 0.72
N ALA A 149 -20.63 25.82 0.87
CA ALA A 149 -21.42 26.67 1.75
C ALA A 149 -20.92 26.64 3.19
N ALA A 150 -20.58 25.46 3.70
CA ALA A 150 -20.11 25.34 5.09
C ALA A 150 -18.57 25.35 5.26
N HIS A 151 -17.85 25.84 4.26
CA HIS A 151 -16.43 26.22 4.44
C HIS A 151 -15.44 25.11 4.79
N VAL A 152 -15.69 23.92 4.28
CA VAL A 152 -14.87 22.76 4.59
C VAL A 152 -13.43 22.96 4.09
N ALA A 153 -13.31 23.44 2.87
CA ALA A 153 -11.99 23.65 2.27
C ALA A 153 -11.08 24.48 3.17
N GLU A 154 -11.64 25.51 3.81
CA GLU A 154 -10.85 26.39 4.68
C GLU A 154 -10.26 25.64 5.83
N GLN A 155 -11.11 24.95 6.59
CA GLN A 155 -10.66 24.16 7.73
C GLN A 155 -9.56 23.20 7.30
N LEU A 156 -9.79 22.47 6.21
CA LEU A 156 -8.85 21.43 5.79
C LEU A 156 -7.49 22.02 5.47
N ARG A 157 -7.52 23.19 4.83
CA ARG A 157 -6.30 23.86 4.40
C ARG A 157 -5.44 24.25 5.59
N ALA A 158 -6.09 24.71 6.65
CA ALA A 158 -5.36 25.08 7.87
C ALA A 158 -4.72 23.85 8.52
N TYR A 159 -5.41 22.71 8.44
CA TYR A 159 -4.89 21.48 9.01
C TYR A 159 -3.70 21.00 8.18
N LEU A 160 -3.87 21.03 6.86
CA LEU A 160 -2.87 20.48 5.95
C LEU A 160 -1.57 21.29 5.92
N GLU A 161 -1.68 22.61 6.04
CA GLU A 161 -0.51 23.49 6.05
C GLU A 161 -0.04 23.73 7.47
N GLY A 162 -0.93 23.48 8.41
CA GLY A 162 -0.66 23.70 9.82
C GLY A 162 -0.35 22.40 10.50
N THR A 163 -1.33 21.90 11.26
CA THR A 163 -1.17 20.69 12.06
C THR A 163 -0.36 19.57 11.36
N CYS A 164 -0.82 19.14 10.20
CA CYS A 164 -0.28 17.96 9.54
C CYS A 164 1.24 18.05 9.49
N VAL A 165 1.70 19.12 8.86
CA VAL A 165 3.12 19.44 8.74
C VAL A 165 3.87 19.45 10.07
N GLU A 166 3.24 19.97 11.12
CA GLU A 166 3.92 20.15 12.41
C GLU A 166 4.16 18.83 13.11
N TRP A 167 3.17 17.94 13.06
CA TRP A 167 3.33 16.61 13.64
C TRP A 167 4.18 15.70 12.75
N LEU A 168 4.10 15.86 11.44
CA LEU A 168 5.07 15.19 10.57
C LEU A 168 6.49 15.51 11.06
N ARG A 169 6.75 16.79 11.31
CA ARG A 169 8.06 17.27 11.80
C ARG A 169 8.36 16.63 13.14
N ARG A 170 7.37 16.65 14.03
CA ARG A 170 7.50 15.89 15.27
C ARG A 170 7.89 14.43 15.05
N TYR A 171 7.14 13.70 14.22
CA TYR A 171 7.42 12.27 13.99
C TYR A 171 8.82 12.02 13.41
N LEU A 172 9.17 12.76 12.35
CA LEU A 172 10.51 12.67 11.77
C LEU A 172 11.62 12.77 12.83
N GLU A 173 11.43 13.62 13.84
CA GLU A 173 12.44 13.80 14.89
C GLU A 173 12.47 12.63 15.87
N ASN A 174 11.36 12.40 16.56
CA ASN A 174 11.29 11.30 17.52
C ASN A 174 11.61 9.96 16.88
N GLY A 175 11.43 9.87 15.56
CA GLY A 175 11.72 8.63 14.86
C GLY A 175 12.93 8.62 13.96
N LYS A 176 13.90 9.53 14.17
CA LYS A 176 15.01 9.68 13.22
C LYS A 176 15.80 8.41 12.91
N GLU A 177 16.00 7.58 13.93
CA GLU A 177 16.72 6.31 13.78
C GLU A 177 16.18 5.47 12.60
N THR A 178 14.86 5.41 12.42
CA THR A 178 14.33 4.72 11.26
C THR A 178 13.87 5.64 10.14
N LEU A 179 13.08 6.65 10.49
CA LEU A 179 12.48 7.52 9.49
C LEU A 179 13.43 8.34 8.61
N GLN A 180 14.65 8.60 9.09
CA GLN A 180 15.62 9.43 8.36
C GLN A 180 16.80 8.62 7.83
N ARG A 181 16.65 7.30 7.91
CA ARG A 181 17.68 6.40 7.46
C ARG A 181 17.21 5.88 6.12
N THR A 182 18.01 6.06 5.08
CA THR A 182 17.70 5.40 3.82
C THR A 182 18.43 4.07 3.85
N ASP A 183 17.77 3.00 3.38
CA ASP A 183 18.42 1.69 3.25
C ASP A 183 18.61 1.46 1.75
N ALA A 184 19.87 1.51 1.30
CA ALA A 184 20.18 1.31 -0.10
C ALA A 184 19.96 -0.14 -0.53
N PRO A 185 19.46 -0.34 -1.75
CA PRO A 185 19.26 -1.70 -2.23
C PRO A 185 20.55 -2.52 -2.27
N LYS A 186 20.44 -3.75 -1.79
CA LYS A 186 21.45 -4.77 -1.99
C LYS A 186 21.06 -5.52 -3.27
N THR A 187 21.97 -5.55 -4.22
CA THR A 187 21.67 -6.00 -5.56
C THR A 187 22.49 -7.21 -5.88
N HIS A 188 21.96 -8.07 -6.74
CA HIS A 188 22.73 -9.16 -7.32
C HIS A 188 22.03 -9.62 -8.61
N MET A 189 22.73 -10.35 -9.47
CA MET A 189 22.12 -10.85 -10.69
C MET A 189 22.07 -12.36 -10.70
N THR A 190 20.95 -12.93 -11.13
CA THR A 190 20.90 -14.36 -11.39
C THR A 190 20.83 -14.65 -12.89
N HIS A 191 21.04 -15.92 -13.23
CA HIS A 191 21.11 -16.38 -14.62
C HIS A 191 20.40 -17.73 -14.76
N HIS A 192 19.59 -17.85 -15.79
CA HIS A 192 18.84 -19.08 -16.03
C HIS A 192 18.77 -19.36 -17.52
N ALA A 193 18.81 -20.64 -17.86
CA ALA A 193 18.81 -21.08 -19.25
C ALA A 193 17.44 -21.63 -19.58
N VAL A 194 16.88 -21.21 -20.72
CA VAL A 194 15.55 -21.66 -21.09
C VAL A 194 15.61 -22.78 -22.15
N SER A 195 16.36 -22.53 -23.22
CA SER A 195 16.66 -23.51 -24.24
C SER A 195 18.17 -23.47 -24.40
N ASP A 196 18.70 -24.06 -25.47
CA ASP A 196 20.16 -24.02 -25.67
C ASP A 196 20.65 -22.75 -26.40
N HIS A 197 19.75 -21.93 -26.90
CA HIS A 197 20.20 -20.67 -27.47
C HIS A 197 19.81 -19.40 -26.72
N GLU A 198 19.03 -19.52 -25.65
CA GLU A 198 18.45 -18.32 -25.05
C GLU A 198 18.50 -18.31 -23.52
N ALA A 199 18.94 -17.17 -22.96
CA ALA A 199 19.09 -17.06 -21.51
C ALA A 199 18.25 -15.93 -20.88
N THR A 200 18.14 -15.97 -19.55
CA THR A 200 17.43 -14.95 -18.76
C THR A 200 18.38 -14.37 -17.71
N LEU A 201 18.48 -13.05 -17.64
CA LEU A 201 19.25 -12.42 -16.56
C LEU A 201 18.26 -11.71 -15.65
N ARG A 202 18.38 -11.91 -14.35
CA ARG A 202 17.45 -11.28 -13.44
C ARG A 202 18.20 -10.40 -12.46
N CYS A 203 17.84 -9.12 -12.43
CA CYS A 203 18.56 -8.17 -11.59
C CYS A 203 17.69 -7.82 -10.38
N TRP A 204 18.23 -8.05 -9.18
CA TRP A 204 17.42 -7.96 -7.98
C TRP A 204 17.77 -6.76 -7.16
N ALA A 205 16.77 -6.24 -6.45
CA ALA A 205 16.98 -5.24 -5.44
C ALA A 205 16.20 -5.67 -4.20
N LEU A 206 16.90 -5.70 -3.07
CA LEU A 206 16.33 -6.22 -1.83
C LEU A 206 16.59 -5.28 -0.66
N SER A 207 15.71 -5.34 0.35
CA SER A 207 15.93 -4.69 1.63
C SER A 207 16.12 -3.18 1.54
N PHE A 208 15.54 -2.56 0.54
CA PHE A 208 15.79 -1.14 0.39
C PHE A 208 14.63 -0.33 0.95
N TYR A 209 14.91 0.89 1.40
CA TYR A 209 13.91 1.80 1.91
C TYR A 209 14.40 3.22 1.66
N PRO A 210 13.53 4.09 1.12
CA PRO A 210 12.09 3.89 0.88
C PRO A 210 11.77 3.06 -0.37
N ALA A 211 10.47 3.01 -0.71
CA ALA A 211 9.97 2.11 -1.74
C ALA A 211 10.33 2.55 -3.15
N GLU A 212 10.39 3.86 -3.38
CA GLU A 212 10.64 4.38 -4.71
C GLU A 212 11.99 3.91 -5.23
N ILE A 213 12.02 3.47 -6.48
CA ILE A 213 13.25 2.94 -7.08
C ILE A 213 13.14 2.81 -8.59
N THR A 214 14.29 2.84 -9.27
CA THR A 214 14.35 2.48 -10.71
C THR A 214 15.38 1.40 -11.05
N LEU A 215 14.90 0.40 -11.78
CA LEU A 215 15.70 -0.73 -12.26
C LEU A 215 15.53 -0.79 -13.77
N THR A 216 16.63 -0.66 -14.50
CA THR A 216 16.56 -0.74 -15.95
C THR A 216 17.75 -1.46 -16.57
N TRP A 217 17.46 -2.06 -17.72
CA TRP A 217 18.40 -2.84 -18.48
C TRP A 217 18.93 -2.00 -19.62
N GLN A 218 20.22 -2.13 -19.89
CA GLN A 218 20.85 -1.48 -21.02
C GLN A 218 21.51 -2.53 -21.92
N ARG A 219 21.54 -2.22 -23.21
CA ARG A 219 22.16 -3.09 -24.20
C ARG A 219 23.19 -2.22 -24.89
N ASP A 220 24.44 -2.67 -24.87
CA ASP A 220 25.52 -1.89 -25.47
C ASP A 220 25.37 -0.40 -25.21
N GLY A 221 25.04 -0.02 -23.97
CA GLY A 221 24.89 1.38 -23.61
C GLY A 221 23.59 2.04 -24.05
N GLU A 222 22.63 1.25 -24.54
CA GLU A 222 21.30 1.79 -24.88
C GLU A 222 20.16 1.18 -24.08
N ASP A 223 19.18 2.01 -23.75
CA ASP A 223 17.98 1.52 -23.09
C ASP A 223 17.34 0.40 -23.88
N GLN A 224 16.76 -0.55 -23.15
CA GLN A 224 16.08 -1.67 -23.78
C GLN A 224 14.88 -2.12 -22.93
N THR A 225 13.70 -2.09 -23.54
CA THR A 225 12.43 -2.37 -22.86
C THR A 225 11.80 -3.67 -23.41
N GLN A 226 12.27 -4.07 -24.60
CA GLN A 226 11.79 -5.30 -25.22
C GLN A 226 12.45 -6.53 -24.63
N ASP A 227 11.65 -7.60 -24.50
CA ASP A 227 12.08 -8.87 -23.93
C ASP A 227 12.47 -8.72 -22.45
N THR A 228 11.92 -7.71 -21.78
CA THR A 228 12.21 -7.49 -20.37
C THR A 228 10.94 -7.42 -19.53
N GLU A 229 11.00 -8.03 -18.36
CA GLU A 229 9.85 -8.17 -17.48
C GLU A 229 10.11 -7.50 -16.12
N LEU A 230 9.23 -6.61 -15.70
CA LEU A 230 9.48 -5.78 -14.51
C LEU A 230 8.40 -6.05 -13.47
N VAL A 231 8.74 -6.64 -12.31
CA VAL A 231 7.69 -6.91 -11.27
C VAL A 231 7.35 -5.71 -10.41
N GLU A 232 6.07 -5.60 -10.05
CA GLU A 232 5.59 -4.60 -9.07
C GLU A 232 6.46 -4.69 -7.82
N THR A 233 6.89 -3.52 -7.32
CA THR A 233 7.61 -3.41 -6.05
C THR A 233 6.78 -4.00 -4.93
N ARG A 234 7.42 -4.74 -4.04
CA ARG A 234 6.68 -5.46 -3.03
C ARG A 234 7.31 -5.34 -1.64
N PRO A 235 6.47 -5.31 -0.59
CA PRO A 235 6.96 -5.27 0.79
C PRO A 235 7.60 -6.59 1.20
N ALA A 236 8.75 -6.54 1.86
CA ALA A 236 9.40 -7.74 2.35
C ALA A 236 8.70 -8.28 3.61
N GLY A 237 8.17 -7.38 4.42
CA GLY A 237 7.46 -7.76 5.64
C GLY A 237 8.18 -7.29 6.90
N ASP A 238 9.39 -6.77 6.72
CA ASP A 238 10.13 -6.25 7.84
C ASP A 238 10.35 -4.75 7.68
N GLY A 239 9.47 -4.08 6.93
CA GLY A 239 9.64 -2.65 6.68
C GLY A 239 10.48 -2.23 5.47
N THR A 240 11.12 -3.20 4.78
CA THR A 240 11.85 -2.93 3.53
C THR A 240 11.11 -3.48 2.31
N PHE A 241 11.68 -3.22 1.15
CA PHE A 241 11.02 -3.55 -0.09
C PHE A 241 11.95 -4.32 -1.02
N GLN A 242 11.34 -5.00 -2.01
CA GLN A 242 12.07 -5.76 -3.02
C GLN A 242 11.45 -5.51 -4.38
N LYS A 243 12.28 -5.71 -5.41
CA LYS A 243 11.84 -5.60 -6.80
C LYS A 243 12.91 -6.26 -7.67
N TRP A 244 12.48 -6.90 -8.76
CA TRP A 244 13.41 -7.37 -9.75
C TRP A 244 12.93 -6.99 -11.11
N VAL A 245 13.85 -7.04 -12.08
CA VAL A 245 13.57 -6.89 -13.49
C VAL A 245 14.43 -7.87 -14.31
N ALA A 246 13.84 -8.42 -15.38
CA ALA A 246 14.51 -9.51 -16.11
C ALA A 246 14.64 -9.19 -17.58
N VAL A 247 15.67 -9.72 -18.21
CA VAL A 247 15.78 -9.64 -19.66
C VAL A 247 16.09 -11.00 -20.26
N VAL A 248 15.51 -11.30 -21.41
CA VAL A 248 15.83 -12.50 -22.18
C VAL A 248 16.89 -12.12 -23.23
N VAL A 249 18.02 -12.83 -23.25
CA VAL A 249 19.12 -12.56 -24.19
C VAL A 249 19.58 -13.85 -24.88
N PRO A 250 20.22 -13.75 -26.06
CA PRO A 250 20.81 -14.96 -26.65
C PRO A 250 21.98 -15.50 -25.81
N SER A 251 22.19 -16.81 -25.82
CA SER A 251 23.25 -17.47 -25.02
C SER A 251 24.60 -17.03 -25.52
N GLY A 252 25.49 -16.64 -24.61
CA GLY A 252 26.80 -16.16 -25.04
C GLY A 252 26.87 -14.64 -25.10
N GLN A 253 25.72 -13.98 -25.27
CA GLN A 253 25.71 -12.51 -25.35
C GLN A 253 25.47 -11.82 -24.02
N GLU A 254 25.45 -12.60 -22.93
CA GLU A 254 25.17 -12.09 -21.59
C GLU A 254 25.85 -10.79 -21.32
N GLN A 255 27.03 -10.61 -21.88
CA GLN A 255 27.91 -9.56 -21.40
C GLN A 255 27.67 -8.18 -22.02
N ARG A 256 26.77 -8.08 -22.98
CA ARG A 256 26.38 -6.77 -23.54
C ARG A 256 25.30 -6.09 -22.68
N TYR A 257 24.82 -6.80 -21.67
CA TYR A 257 23.66 -6.32 -20.94
C TYR A 257 24.00 -5.87 -19.52
N THR A 258 23.63 -4.64 -19.19
CA THR A 258 23.86 -4.12 -17.84
C THR A 258 22.56 -3.65 -17.18
N CYS A 259 22.43 -3.95 -15.90
CA CYS A 259 21.25 -3.57 -15.14
C CYS A 259 21.59 -2.28 -14.39
N HIS A 260 20.68 -1.31 -14.38
CA HIS A 260 20.98 -0.03 -13.74
C HIS A 260 20.00 0.31 -12.62
N VAL A 261 20.55 0.56 -11.43
CA VAL A 261 19.73 0.82 -10.24
C VAL A 261 19.88 2.25 -9.75
N GLN A 262 18.73 2.90 -9.49
CA GLN A 262 18.67 4.25 -8.94
C GLN A 262 17.84 4.31 -7.66
N HIS A 263 18.47 4.67 -6.55
CA HIS A 263 17.78 4.79 -5.27
C HIS A 263 18.30 5.98 -4.45
N GLU A 264 17.39 6.71 -3.80
CA GLU A 264 17.78 7.82 -2.93
C GLU A 264 18.87 7.41 -1.93
N GLY A 265 19.00 6.11 -1.70
CA GLY A 265 20.00 5.61 -0.77
C GLY A 265 21.38 5.43 -1.40
N LEU A 266 21.49 5.74 -2.69
CA LEU A 266 22.76 5.57 -3.41
C LEU A 266 23.29 6.93 -3.88
N PRO A 267 24.55 7.24 -3.52
CA PRO A 267 25.25 8.41 -4.07
C PRO A 267 25.05 8.53 -5.58
N LYS A 268 25.25 7.41 -6.28
CA LYS A 268 25.16 7.35 -7.74
C LYS A 268 24.55 6.04 -8.20
N PRO A 269 23.84 6.05 -9.35
CA PRO A 269 23.35 4.87 -10.01
C PRO A 269 24.36 3.73 -9.96
N LEU A 270 23.93 2.58 -9.44
CA LEU A 270 24.73 1.38 -9.42
C LEU A 270 24.57 0.69 -10.77
N THR A 271 25.65 0.05 -11.25
CA THR A 271 25.66 -0.74 -12.47
C THR A 271 26.09 -2.18 -12.20
N LEU A 272 25.35 -3.14 -12.75
CA LEU A 272 25.69 -4.56 -12.58
C LEU A 272 25.87 -5.28 -13.92
N ARG A 273 26.86 -6.17 -13.99
CA ARG A 273 27.08 -7.00 -15.16
C ARG A 273 26.98 -8.46 -14.74
N TRP A 274 27.01 -9.38 -15.70
CA TRP A 274 26.90 -10.79 -15.37
C TRP A 274 28.24 -11.37 -14.87
N MET B 1 -19.97 0.86 -10.23
CA MET B 1 -19.66 -0.46 -9.60
C MET B 1 -18.52 -1.22 -10.33
N ILE B 2 -17.28 -0.81 -10.07
CA ILE B 2 -16.12 -1.46 -10.68
C ILE B 2 -15.69 -2.70 -9.92
N GLN B 3 -15.13 -3.66 -10.65
CA GLN B 3 -14.52 -4.83 -10.03
C GLN B 3 -13.13 -5.01 -10.62
N ARG B 4 -12.16 -5.24 -9.74
CA ARG B 4 -10.78 -5.40 -10.16
C ARG B 4 -10.22 -6.68 -9.60
N THR B 5 -9.58 -7.45 -10.47
CA THR B 5 -8.99 -8.71 -10.16
C THR B 5 -7.59 -8.55 -9.53
N PRO B 6 -7.30 -9.32 -8.50
CA PRO B 6 -6.04 -9.16 -7.79
C PRO B 6 -4.79 -9.64 -8.55
N LYS B 7 -3.71 -8.89 -8.37
CA LYS B 7 -2.42 -9.37 -8.81
C LYS B 7 -1.80 -10.04 -7.59
N ILE B 8 -1.06 -11.11 -7.81
CA ILE B 8 -0.56 -11.92 -6.74
C ILE B 8 0.92 -12.15 -6.92
N GLN B 9 1.72 -11.90 -5.89
CA GLN B 9 3.09 -12.42 -5.89
C GLN B 9 3.34 -13.25 -4.63
N VAL B 10 3.99 -14.40 -4.81
CA VAL B 10 4.37 -15.27 -3.70
C VAL B 10 5.90 -15.34 -3.58
N TYR B 11 6.44 -15.02 -2.40
CA TYR B 11 7.89 -14.92 -2.28
C TYR B 11 8.30 -14.95 -0.82
N SER B 12 9.59 -15.20 -0.58
CA SER B 12 10.11 -15.26 0.79
C SER B 12 10.61 -13.90 1.26
N ARG B 13 10.65 -13.66 2.56
CA ARG B 13 11.10 -12.37 3.01
C ARG B 13 12.63 -12.20 2.93
N HIS B 14 13.36 -13.31 2.99
CA HIS B 14 14.81 -13.29 2.83
C HIS B 14 15.16 -14.34 1.79
N PRO B 15 16.43 -14.37 1.38
CA PRO B 15 16.93 -15.37 0.40
C PRO B 15 16.72 -16.82 0.85
N ALA B 16 16.14 -17.63 -0.03
CA ALA B 16 15.78 -18.99 0.32
C ALA B 16 16.95 -19.96 0.26
N GLU B 17 17.20 -20.64 1.37
CA GLU B 17 18.09 -21.78 1.39
C GLU B 17 17.49 -22.85 2.29
N ASN B 18 17.37 -24.06 1.77
CA ASN B 18 16.79 -25.15 2.55
C ASN B 18 17.35 -25.12 3.97
N GLY B 19 16.47 -25.24 4.96
CA GLY B 19 16.89 -25.44 6.34
C GLY B 19 16.94 -24.23 7.26
N LYS B 20 16.88 -23.02 6.71
CA LYS B 20 16.89 -21.84 7.57
C LYS B 20 15.55 -21.10 7.69
N SER B 21 15.16 -20.84 8.93
CA SER B 21 13.97 -20.07 9.24
C SER B 21 13.82 -18.87 8.31
N ASN B 22 12.62 -18.67 7.77
CA ASN B 22 12.35 -17.59 6.82
C ASN B 22 10.86 -17.25 6.91
N PHE B 23 10.35 -16.38 6.04
CA PHE B 23 8.91 -16.06 6.00
C PHE B 23 8.39 -16.11 4.57
N LEU B 24 7.21 -16.70 4.42
CA LEU B 24 6.57 -16.81 3.13
C LEU B 24 5.50 -15.74 3.02
N ASN B 25 5.56 -14.95 1.97
CA ASN B 25 4.67 -13.82 1.78
C ASN B 25 3.74 -14.06 0.62
N CYS B 26 2.48 -13.65 0.80
CA CYS B 26 1.57 -13.56 -0.32
C CYS B 26 1.03 -12.13 -0.43
N TYR B 27 1.58 -11.39 -1.39
CA TYR B 27 1.23 -10.01 -1.66
C TYR B 27 0.11 -9.95 -2.70
N VAL B 28 -1.08 -9.52 -2.30
CA VAL B 28 -2.20 -9.28 -3.24
C VAL B 28 -2.51 -7.80 -3.37
N SER B 29 -2.55 -7.32 -4.60
CA SER B 29 -2.77 -5.91 -4.85
C SER B 29 -3.67 -5.72 -6.04
N GLY B 30 -4.11 -4.47 -6.24
CA GLY B 30 -4.87 -4.09 -7.41
C GLY B 30 -6.33 -4.52 -7.43
N PHE B 31 -6.88 -4.93 -6.29
CA PHE B 31 -8.25 -5.43 -6.30
C PHE B 31 -9.30 -4.50 -5.69
N HIS B 32 -10.55 -4.80 -6.02
CA HIS B 32 -11.68 -4.06 -5.53
C HIS B 32 -12.88 -4.88 -5.92
N PRO B 33 -13.90 -5.00 -5.03
CA PRO B 33 -13.97 -4.51 -3.64
C PRO B 33 -13.01 -5.26 -2.72
N SER B 34 -13.10 -4.99 -1.41
CA SER B 34 -12.10 -5.44 -0.43
C SER B 34 -12.23 -6.87 0.10
N ASP B 35 -13.45 -7.40 0.12
CA ASP B 35 -13.63 -8.81 0.47
C ASP B 35 -12.72 -9.67 -0.37
N ILE B 36 -11.81 -10.37 0.29
CA ILE B 36 -10.88 -11.28 -0.36
C ILE B 36 -10.50 -12.41 0.58
N GLU B 37 -10.20 -13.57 0.04
CA GLU B 37 -9.83 -14.69 0.90
C GLU B 37 -8.50 -15.27 0.40
N VAL B 38 -7.54 -15.38 1.32
CA VAL B 38 -6.19 -15.77 0.93
C VAL B 38 -5.66 -16.82 1.91
N ASP B 39 -5.09 -17.90 1.38
CA ASP B 39 -4.46 -18.94 2.18
C ASP B 39 -3.06 -19.24 1.69
N LEU B 40 -2.20 -19.63 2.63
CA LEU B 40 -0.87 -20.08 2.31
C LEU B 40 -0.86 -21.61 2.41
N LEU B 41 -0.29 -22.26 1.40
CA LEU B 41 -0.33 -23.73 1.30
C LEU B 41 1.04 -24.42 1.42
N LYS B 42 1.07 -25.48 2.24
CA LYS B 42 2.22 -26.38 2.30
C LYS B 42 1.81 -27.76 1.80
N ASN B 43 2.41 -28.19 0.70
CA ASN B 43 2.04 -29.45 0.04
C ASN B 43 0.52 -29.59 -0.08
N GLY B 44 -0.07 -28.66 -0.84
CA GLY B 44 -1.51 -28.63 -1.10
C GLY B 44 -2.38 -28.23 0.08
N GLU B 45 -1.82 -28.27 1.29
CA GLU B 45 -2.62 -28.20 2.52
C GLU B 45 -2.49 -26.87 3.26
N ARG B 46 -3.63 -26.37 3.76
CA ARG B 46 -3.71 -25.02 4.34
C ARG B 46 -2.97 -24.84 5.66
N ILE B 47 -2.19 -23.77 5.76
CA ILE B 47 -1.42 -23.46 6.97
C ILE B 47 -2.20 -22.53 7.91
N GLU B 48 -2.25 -22.89 9.18
CA GLU B 48 -3.10 -22.21 10.19
C GLU B 48 -2.53 -20.94 10.82
N LYS B 49 -1.21 -20.83 10.92
CA LYS B 49 -0.64 -19.71 11.65
C LYS B 49 -0.29 -18.54 10.71
N VAL B 50 -1.32 -17.86 10.22
CA VAL B 50 -1.14 -16.85 9.18
C VAL B 50 -1.61 -15.45 9.59
N GLU B 51 -0.69 -14.50 9.57
CA GLU B 51 -1.00 -13.12 9.87
C GLU B 51 -1.17 -12.31 8.57
N HIS B 52 -1.83 -11.17 8.65
CA HIS B 52 -1.95 -10.28 7.49
C HIS B 52 -1.91 -8.82 7.90
N SER B 53 -1.49 -7.96 6.98
CA SER B 53 -1.32 -6.54 7.25
C SER B 53 -2.69 -5.85 7.27
N ASP B 54 -2.70 -4.60 7.73
CA ASP B 54 -3.92 -3.81 7.80
C ASP B 54 -4.28 -3.26 6.42
N LEU B 55 -5.53 -3.48 6.03
CA LEU B 55 -6.03 -3.06 4.71
C LEU B 55 -5.75 -1.60 4.36
N SER B 56 -5.04 -1.39 3.26
CA SER B 56 -4.82 -0.06 2.73
C SER B 56 -5.12 -0.08 1.23
N PHE B 57 -4.90 1.04 0.55
CA PHE B 57 -5.17 1.15 -0.86
C PHE B 57 -4.26 2.17 -1.52
N SER B 58 -4.17 2.09 -2.86
CA SER B 58 -3.27 2.97 -3.61
CA SER B 58 -3.27 2.96 -3.63
C SER B 58 -4.01 4.19 -4.14
N LYS B 59 -3.30 5.06 -4.85
CA LYS B 59 -3.87 6.28 -5.38
C LYS B 59 -5.06 6.03 -6.31
N ASP B 60 -5.01 4.95 -7.11
CA ASP B 60 -6.12 4.58 -8.00
C ASP B 60 -7.28 3.88 -7.25
N TRP B 61 -7.24 3.94 -5.92
CA TRP B 61 -8.26 3.39 -5.05
C TRP B 61 -8.23 1.87 -4.83
N SER B 62 -7.33 1.16 -5.48
CA SER B 62 -7.35 -0.29 -5.30
C SER B 62 -6.60 -0.79 -4.05
N PHE B 63 -7.11 -1.87 -3.51
CA PHE B 63 -6.71 -2.43 -2.23
C PHE B 63 -5.49 -3.31 -2.34
N TYR B 64 -4.70 -3.39 -1.28
CA TYR B 64 -3.60 -4.33 -1.26
C TYR B 64 -3.45 -4.89 0.14
N LEU B 65 -2.92 -6.11 0.22
CA LEU B 65 -2.77 -6.85 1.48
C LEU B 65 -1.53 -7.73 1.47
N LEU B 66 -0.82 -7.79 2.59
CA LEU B 66 0.25 -8.77 2.76
C LEU B 66 -0.21 -9.88 3.71
N TYR B 67 -0.05 -11.13 3.28
CA TYR B 67 -0.28 -12.30 4.13
C TYR B 67 1.05 -12.96 4.32
N TYR B 68 1.30 -13.46 5.51
CA TYR B 68 2.61 -14.03 5.72
C TYR B 68 2.61 -15.07 6.82
N THR B 69 3.59 -15.97 6.75
CA THR B 69 3.69 -17.05 7.68
C THR B 69 5.13 -17.44 7.79
N GLU B 70 5.53 -17.87 8.98
CA GLU B 70 6.86 -18.42 9.19
C GLU B 70 6.92 -19.73 8.44
N PHE B 71 8.05 -20.03 7.83
CA PHE B 71 8.26 -21.35 7.21
C PHE B 71 9.72 -21.70 7.07
N THR B 72 10.02 -22.94 6.73
CA THR B 72 11.41 -23.36 6.49
C THR B 72 11.58 -24.13 5.20
N PRO B 73 12.28 -23.51 4.24
CA PRO B 73 12.50 -24.11 2.94
C PRO B 73 13.12 -25.50 3.05
N THR B 74 12.74 -26.36 2.11
CA THR B 74 13.35 -27.66 1.96
C THR B 74 13.44 -27.92 0.47
N GLU B 75 14.31 -28.85 0.10
CA GLU B 75 14.52 -29.22 -1.29
C GLU B 75 13.21 -29.71 -1.90
N LYS B 76 12.37 -30.34 -1.10
CA LYS B 76 11.21 -31.05 -1.64
C LYS B 76 9.86 -30.65 -1.05
N ASP B 77 9.79 -29.59 -0.24
CA ASP B 77 8.47 -29.10 0.18
C ASP B 77 7.98 -27.99 -0.74
N GLU B 78 6.74 -28.08 -1.17
CA GLU B 78 6.21 -27.09 -2.10
C GLU B 78 5.25 -26.14 -1.39
N TYR B 79 5.33 -24.87 -1.74
CA TYR B 79 4.54 -23.86 -1.08
C TYR B 79 3.79 -23.08 -2.13
N ALA B 80 2.62 -22.58 -1.75
CA ALA B 80 1.76 -21.92 -2.71
C ALA B 80 0.84 -20.92 -2.02
N CYS B 81 0.41 -19.90 -2.76
CA CYS B 81 -0.65 -19.04 -2.28
C CYS B 81 -1.94 -19.34 -3.05
N ARG B 82 -3.05 -19.39 -2.31
CA ARG B 82 -4.38 -19.59 -2.90
C ARG B 82 -5.29 -18.41 -2.62
N VAL B 83 -5.87 -17.86 -3.68
CA VAL B 83 -6.65 -16.63 -3.56
C VAL B 83 -8.04 -16.76 -4.19
N ASN B 84 -9.05 -16.30 -3.47
CA ASN B 84 -10.42 -16.27 -3.97
C ASN B 84 -11.01 -14.86 -3.84
N HIS B 85 -11.81 -14.46 -4.83
CA HIS B 85 -12.35 -13.11 -4.89
C HIS B 85 -13.55 -13.07 -5.83
N VAL B 86 -14.54 -12.24 -5.51
CA VAL B 86 -15.76 -12.16 -6.33
C VAL B 86 -15.47 -12.16 -7.84
N THR B 87 -14.31 -11.67 -8.26
CA THR B 87 -13.97 -11.64 -9.70
C THR B 87 -13.35 -12.95 -10.18
N LEU B 88 -13.29 -13.92 -9.30
CA LEU B 88 -12.67 -15.19 -9.65
C LEU B 88 -13.73 -16.29 -9.47
N SER B 89 -14.06 -16.94 -10.58
CA SER B 89 -14.97 -18.10 -10.53
C SER B 89 -14.22 -19.27 -9.92
N GLN B 90 -12.96 -19.40 -10.32
CA GLN B 90 -12.13 -20.49 -9.84
C GLN B 90 -10.93 -19.92 -9.06
N PRO B 91 -10.82 -20.30 -7.78
CA PRO B 91 -9.70 -19.92 -6.91
C PRO B 91 -8.36 -19.92 -7.65
N LYS B 92 -7.60 -18.84 -7.56
CA LYS B 92 -6.33 -18.81 -8.24
C LYS B 92 -5.24 -19.33 -7.29
N ILE B 93 -4.24 -19.98 -7.87
CA ILE B 93 -3.19 -20.62 -7.09
C ILE B 93 -1.84 -20.32 -7.71
N VAL B 94 -1.01 -19.58 -6.98
CA VAL B 94 0.31 -19.24 -7.46
C VAL B 94 1.36 -19.98 -6.64
N LYS B 95 2.18 -20.79 -7.30
CA LYS B 95 3.25 -21.50 -6.61
C LYS B 95 4.42 -20.60 -6.27
N TRP B 96 4.99 -20.84 -5.10
CA TRP B 96 6.27 -20.25 -4.80
C TRP B 96 7.39 -20.88 -5.66
N ASP B 97 7.92 -20.06 -6.56
CA ASP B 97 9.15 -20.37 -7.29
C ASP B 97 10.25 -19.57 -6.64
N ARG B 98 11.18 -20.23 -5.95
CA ARG B 98 12.37 -19.53 -5.43
C ARG B 98 13.33 -19.27 -6.57
N ASP B 99 13.53 -20.32 -7.38
CA ASP B 99 14.46 -20.33 -8.53
C ASP B 99 14.34 -19.06 -9.36
N MET B 100 13.51 -18.13 -8.93
CA MET B 100 13.39 -16.87 -9.62
C MET B 100 14.75 -16.17 -9.43
N CYS C 1 -0.99 12.69 12.95
CA CYS C 1 -1.99 13.36 13.83
C CYS C 1 -3.27 13.62 13.06
N ILE C 2 -4.35 12.97 13.46
CA ILE C 2 -5.57 12.97 12.65
C ILE C 2 -6.29 14.33 12.60
N ASN C 3 -7.00 14.57 11.50
CA ASN C 3 -7.81 15.78 11.36
C ASN C 3 -8.98 15.79 12.35
N GLY C 4 -9.17 16.93 13.01
CA GLY C 4 -10.07 17.01 14.16
C GLY C 4 -11.56 16.84 13.92
N VAL C 5 -12.04 17.35 12.79
CA VAL C 5 -13.47 17.35 12.48
C VAL C 5 -13.75 16.92 11.03
N VAL C 6 -14.92 16.32 10.82
CA VAL C 6 -15.27 15.71 9.54
C VAL C 6 -16.72 16.01 9.10
N TRP C 7 -16.91 16.28 7.82
CA TRP C 7 -18.24 16.61 7.26
C TRP C 7 -18.82 15.48 6.41
N THR C 8 -20.14 15.29 6.50
CA THR C 8 -20.79 14.23 5.71
C THR C 8 -20.96 14.68 4.26
N VAL C 9 -21.09 13.72 3.35
CA VAL C 9 -21.21 14.01 1.93
C VAL C 9 -22.59 14.58 1.56
#